data_7UY2
#
_entry.id   7UY2
#
_cell.length_a   49.420
_cell.length_b   49.420
_cell.length_c   267.120
_cell.angle_alpha   90.000
_cell.angle_beta   90.000
_cell.angle_gamma   120.000
#
_symmetry.space_group_name_H-M   'P 61'
#
loop_
_entity.id
_entity.type
_entity.pdbx_description
1 polymer 'E3 ubiquitin-protein ligase RNF31'
2 polymer 'Helicon FP06649'
3 non-polymer 'AMINO GROUP'
4 non-polymer "N,N'-(1,4-phenylene)diacetamide"
5 water water
#
loop_
_entity_poly.entity_id
_entity_poly.type
_entity_poly.pdbx_seq_one_letter_code
_entity_poly.pdbx_strand_id
1 'polypeptide(L)'
;GPLGSMPGEEEERAFLVAREELASALRRDSGQAFSLEQLRPLLASSLPLAARYLQLDAARLVRCNAHGEPRNYLNTLSTA
LNILEKYGRNLLSPQRPRYWRGVKFNNPVFRSTVDAVQGGRDVLRLYGYTEEQPDGLSFPEGQEEPDEHQVATVTLEVLL
LRTELSLLLQNTHPRQQALEQLLE
;
A,B
2 'polypeptide(L)' FTDCQLAAAVCMTY C,D
#
loop_
_chem_comp.id
_chem_comp.type
_chem_comp.name
_chem_comp.formula
NH2 non-polymer 'AMINO GROUP' 'H2 N'
WHL non-polymer N,N'-(1,4-phenylene)diacetamide 'C10 H12 N2 O2'
#
# COMPACT_ATOMS: atom_id res chain seq x y z
N GLY A 8 -2.60 15.66 18.88
CA GLY A 8 -2.08 14.31 18.85
C GLY A 8 -2.24 13.64 17.49
N GLU A 9 -3.49 13.61 17.01
CA GLU A 9 -3.78 13.05 15.70
C GLU A 9 -3.53 14.05 14.57
N GLU A 10 -3.32 15.33 14.89
CA GLU A 10 -3.02 16.31 13.86
C GLU A 10 -1.57 16.23 13.40
N GLU A 11 -0.64 16.03 14.34
CA GLU A 11 0.75 15.81 13.96
C GLU A 11 0.90 14.49 13.22
N GLU A 12 0.13 13.47 13.61
CA GLU A 12 0.14 12.22 12.87
C GLU A 12 -0.46 12.40 11.48
N ARG A 13 -1.55 13.15 11.37
CA ARG A 13 -2.17 13.40 10.08
C ARG A 13 -1.21 14.12 9.14
N ALA A 14 -0.55 15.17 9.63
CA ALA A 14 0.38 15.92 8.81
C ALA A 14 1.54 15.04 8.34
N PHE A 15 1.97 14.10 9.18
CA PHE A 15 3.03 13.17 8.78
C PHE A 15 2.55 12.25 7.67
N LEU A 16 1.38 11.63 7.85
CA LEU A 16 0.88 10.68 6.87
C LEU A 16 0.57 11.35 5.54
N VAL A 17 0.13 12.62 5.57
CA VAL A 17 -0.10 13.34 4.33
C VAL A 17 1.21 13.60 3.61
N ALA A 18 2.24 14.03 4.35
CA ALA A 18 3.56 14.23 3.74
C ALA A 18 4.18 12.92 3.29
N ARG A 19 3.90 11.83 4.01
CA ARG A 19 4.38 10.52 3.58
C ARG A 19 3.74 10.11 2.26
N GLU A 20 2.43 10.33 2.12
CA GLU A 20 1.74 9.99 0.89
C GLU A 20 2.17 10.89 -0.27
N GLU A 21 2.50 12.15 0.02
CA GLU A 21 2.95 13.05 -1.04
C GLU A 21 4.31 12.64 -1.58
N LEU A 22 5.24 12.29 -0.69
CA LEU A 22 6.57 11.88 -1.15
C LEU A 22 6.53 10.51 -1.83
N ALA A 23 5.62 9.63 -1.39
CA ALA A 23 5.51 8.32 -2.04
C ALA A 23 4.91 8.43 -3.43
N SER A 24 4.07 9.44 -3.66
CA SER A 24 3.51 9.64 -5.00
C SER A 24 4.56 10.13 -5.97
N ALA A 25 5.47 11.00 -5.51
CA ALA A 25 6.56 11.47 -6.36
C ALA A 25 7.47 10.33 -6.78
N LEU A 26 7.65 9.33 -5.90
CA LEU A 26 8.42 8.15 -6.27
C LEU A 26 7.74 7.40 -7.43
N ARG A 27 6.42 7.31 -7.39
CA ARG A 27 5.69 6.68 -8.48
C ARG A 27 5.79 7.51 -9.75
N ARG A 28 5.78 8.84 -9.61
CA ARG A 28 5.91 9.71 -10.78
C ARG A 28 7.29 9.58 -11.41
N ASP A 29 8.33 9.44 -10.59
CA ASP A 29 9.70 9.29 -11.09
C ASP A 29 10.46 8.41 -10.11
N SER A 30 10.74 7.17 -10.52
CA SER A 30 11.38 6.21 -9.63
C SER A 30 12.83 6.55 -9.33
N GLY A 31 13.46 7.41 -10.14
CA GLY A 31 14.82 7.83 -9.93
C GLY A 31 14.96 9.14 -9.19
N GLN A 32 13.87 9.68 -8.64
CA GLN A 32 13.91 10.98 -7.98
C GLN A 32 14.71 10.91 -6.69
N ALA A 33 15.60 11.88 -6.51
CA ALA A 33 16.35 12.03 -5.27
C ALA A 33 15.72 13.14 -4.44
N PHE A 34 15.50 12.86 -3.16
CA PHE A 34 14.85 13.79 -2.25
C PHE A 34 15.90 14.52 -1.42
N SER A 35 15.76 15.83 -1.32
CA SER A 35 16.65 16.64 -0.49
C SER A 35 16.27 16.51 0.97
N LEU A 36 17.20 16.92 1.84
CA LEU A 36 16.92 16.95 3.28
C LEU A 36 15.82 17.94 3.61
N GLU A 37 15.61 18.95 2.77
CA GLU A 37 14.51 19.88 2.98
C GLU A 37 13.16 19.21 2.72
N GLN A 38 13.08 18.41 1.65
CA GLN A 38 11.83 17.72 1.32
C GLN A 38 11.46 16.68 2.37
N LEU A 39 12.43 16.16 3.12
CA LEU A 39 12.18 15.15 4.14
C LEU A 39 12.06 15.73 5.55
N ARG A 40 12.17 17.05 5.69
CA ARG A 40 12.05 17.66 7.01
C ARG A 40 10.72 17.36 7.71
N PRO A 41 9.57 17.40 7.03
CA PRO A 41 8.33 16.96 7.72
C PRO A 41 8.41 15.53 8.23
N LEU A 42 9.19 14.67 7.58
CA LEU A 42 9.36 13.30 8.04
C LEU A 42 10.51 13.13 9.02
N LEU A 43 11.48 14.04 9.01
CA LEU A 43 12.66 13.93 9.85
C LEU A 43 12.48 14.63 11.20
N ALA A 44 11.90 15.82 11.20
CA ALA A 44 11.70 16.58 12.43
C ALA A 44 10.28 16.35 12.96
N SER A 45 10.05 15.11 13.40
CA SER A 45 8.76 14.69 13.92
C SER A 45 8.93 14.12 15.32
N SER A 46 8.03 14.51 16.23
CA SER A 46 8.07 14.01 17.60
C SER A 46 7.37 12.68 17.77
N LEU A 47 6.73 12.17 16.72
CA LEU A 47 5.99 10.93 16.83
C LEU A 47 6.94 9.75 17.04
N PRO A 48 6.48 8.72 17.75
CA PRO A 48 7.32 7.52 17.94
C PRO A 48 7.52 6.78 16.63
N LEU A 49 8.36 5.75 16.68
CA LEU A 49 8.70 5.01 15.48
C LEU A 49 7.50 4.26 14.93
N ALA A 50 6.66 3.71 15.81
CA ALA A 50 5.51 2.93 15.34
C ALA A 50 4.50 3.80 14.62
N ALA A 51 4.44 5.09 14.94
CA ALA A 51 3.52 5.99 14.25
C ALA A 51 4.11 6.55 12.96
N ARG A 52 5.43 6.49 12.79
CA ARG A 52 6.08 7.04 11.62
C ARG A 52 6.48 5.99 10.59
N TYR A 53 6.74 4.76 11.00
CA TYR A 53 7.11 3.67 10.10
C TYR A 53 5.99 2.65 10.12
N LEU A 54 5.08 2.74 9.14
CA LEU A 54 3.92 1.87 9.09
C LEU A 54 4.22 0.51 8.46
N GLN A 55 5.14 0.44 7.50
CA GLN A 55 5.54 -0.81 6.88
C GLN A 55 6.81 -1.38 7.49
N LEU A 56 7.87 -0.58 7.55
CA LEU A 56 9.13 -1.02 8.15
C LEU A 56 8.99 -1.09 9.67
N ASP A 57 9.72 -2.04 10.25
CA ASP A 57 9.86 -2.12 11.71
C ASP A 57 11.22 -1.50 12.04
N ALA A 58 11.23 -0.17 12.18
CA ALA A 58 12.48 0.55 12.38
C ALA A 58 13.16 0.16 13.68
N ALA A 59 12.38 0.01 14.75
CA ALA A 59 12.97 -0.33 16.04
C ALA A 59 13.64 -1.69 16.01
N ARG A 60 12.97 -2.69 15.41
CA ARG A 60 13.55 -4.03 15.34
C ARG A 60 14.76 -4.06 14.43
N LEU A 61 14.67 -3.40 13.26
CA LEU A 61 15.80 -3.40 12.33
C LEU A 61 17.04 -2.77 12.93
N VAL A 62 16.86 -1.81 13.84
CA VAL A 62 17.99 -1.11 14.45
C VAL A 62 18.48 -1.82 15.70
N ARG A 63 17.57 -2.17 16.61
CA ARG A 63 17.98 -2.74 17.90
C ARG A 63 18.49 -4.17 17.73
N CYS A 64 17.85 -4.97 16.87
CA CYS A 64 18.30 -6.34 16.67
C CYS A 64 19.61 -6.42 15.89
N ASN A 65 20.07 -5.32 15.31
CA ASN A 65 21.34 -5.27 14.62
C ASN A 65 22.38 -4.41 15.34
N ALA A 66 22.01 -3.82 16.48
CA ALA A 66 22.93 -2.97 17.25
C ALA A 66 23.86 -3.86 18.05
N HIS A 67 24.94 -4.28 17.40
CA HIS A 67 25.95 -5.13 18.02
C HIS A 67 27.32 -4.63 17.60
N GLY A 68 28.15 -4.29 18.58
CA GLY A 68 29.44 -3.70 18.30
C GLY A 68 29.42 -2.19 18.43
N GLU A 69 30.22 -1.51 17.61
CA GLU A 69 30.23 -0.06 17.72
C GLU A 69 29.18 0.55 16.82
N PRO A 70 28.53 1.64 17.25
CA PRO A 70 27.57 2.31 16.37
C PRO A 70 28.18 2.77 15.06
N ARG A 71 29.47 3.10 15.05
CA ARG A 71 30.15 3.45 13.80
C ARG A 71 30.07 2.32 12.78
N ASN A 72 30.00 1.08 13.25
CA ASN A 72 30.03 -0.08 12.37
C ASN A 72 28.63 -0.57 12.00
N TYR A 73 27.81 -0.90 13.00
CA TYR A 73 26.53 -1.53 12.69
C TYR A 73 25.54 -0.56 12.07
N LEU A 74 25.61 0.73 12.42
CA LEU A 74 24.78 1.70 11.72
C LEU A 74 25.17 1.80 10.25
N ASN A 75 26.43 1.53 9.95
CA ASN A 75 26.88 1.56 8.56
C ASN A 75 26.47 0.30 7.81
N THR A 76 26.59 -0.87 8.44
CA THR A 76 26.10 -2.10 7.82
C THR A 76 24.60 -2.01 7.56
N LEU A 77 23.87 -1.35 8.46
CA LEU A 77 22.45 -1.12 8.24
C LEU A 77 22.21 -0.19 7.06
N SER A 78 23.03 0.87 6.95
CA SER A 78 22.85 1.83 5.86
C SER A 78 23.11 1.20 4.51
N THR A 79 24.17 0.40 4.39
CA THR A 79 24.46 -0.26 3.12
C THR A 79 23.34 -1.22 2.73
N ALA A 80 22.80 -1.95 3.71
CA ALA A 80 21.66 -2.82 3.44
C ALA A 80 20.44 -2.03 3.02
N LEU A 81 20.16 -0.91 3.71
CA LEU A 81 19.05 -0.05 3.32
C LEU A 81 19.28 0.56 1.95
N ASN A 82 20.54 0.88 1.61
CA ASN A 82 20.84 1.45 0.30
C ASN A 82 20.49 0.47 -0.81
N ILE A 83 20.95 -0.77 -0.70
CA ILE A 83 20.69 -1.75 -1.74
C ILE A 83 19.22 -2.18 -1.73
N LEU A 84 18.56 -2.13 -0.58
CA LEU A 84 17.14 -2.45 -0.53
C LEU A 84 16.30 -1.35 -1.15
N GLU A 85 16.79 -0.11 -1.13
CA GLU A 85 16.10 0.98 -1.81
C GLU A 85 16.11 0.79 -3.32
N LYS A 86 17.24 0.30 -3.86
CA LYS A 86 17.32 0.04 -5.29
C LYS A 86 16.37 -1.07 -5.72
N TYR A 87 16.10 -2.02 -4.84
CA TYR A 87 15.14 -3.08 -5.15
C TYR A 87 13.75 -2.50 -5.35
N GLY A 88 13.35 -1.55 -4.50
CA GLY A 88 12.04 -0.94 -4.66
C GLY A 88 11.96 0.04 -5.81
N ARG A 89 13.06 0.75 -6.08
CA ARG A 89 13.07 1.71 -7.18
C ARG A 89 12.95 1.02 -8.53
N ASN A 90 13.59 -0.15 -8.68
CA ASN A 90 13.48 -0.89 -9.93
C ASN A 90 12.06 -1.39 -10.15
N LEU A 91 11.34 -1.70 -9.07
CA LEU A 91 9.96 -2.16 -9.22
C LEU A 91 9.04 -1.04 -9.70
N LEU A 92 9.36 0.21 -9.34
CA LEU A 92 8.57 1.36 -9.78
C LEU A 92 9.01 1.91 -11.13
N SER A 93 10.09 1.37 -11.71
CA SER A 93 10.59 1.89 -12.97
C SER A 93 9.62 1.57 -14.10
N PRO A 94 9.51 2.46 -15.10
CA PRO A 94 8.63 2.17 -16.24
C PRO A 94 9.09 0.97 -17.06
N GLN A 95 10.38 0.67 -17.04
CA GLN A 95 10.95 -0.49 -17.74
C GLN A 95 11.61 -1.38 -16.68
N ARG A 96 10.81 -2.26 -16.09
CA ARG A 96 11.30 -3.12 -15.02
C ARG A 96 12.36 -4.09 -15.55
N PRO A 97 13.25 -4.57 -14.68
CA PRO A 97 14.20 -5.59 -15.09
C PRO A 97 13.49 -6.87 -15.53
N ARG A 98 14.20 -7.68 -16.31
CA ARG A 98 13.59 -8.84 -16.95
C ARG A 98 13.02 -9.82 -15.92
N TYR A 99 13.86 -10.24 -14.96
CA TYR A 99 13.42 -11.23 -13.99
C TYR A 99 13.21 -10.61 -12.62
N TRP A 100 12.45 -9.51 -12.56
CA TRP A 100 12.19 -8.83 -11.30
C TRP A 100 11.36 -9.66 -10.34
N ARG A 101 10.62 -10.66 -10.84
CA ARG A 101 9.66 -11.39 -10.01
C ARG A 101 10.34 -12.23 -8.94
N GLY A 102 11.62 -12.56 -9.11
CA GLY A 102 12.31 -13.39 -8.14
C GLY A 102 13.67 -12.82 -7.78
N VAL A 103 14.08 -13.09 -6.55
CA VAL A 103 15.37 -12.65 -6.03
C VAL A 103 16.09 -13.87 -5.44
N LYS A 104 17.31 -14.12 -5.89
CA LYS A 104 18.14 -15.20 -5.38
C LYS A 104 19.18 -14.65 -4.42
N PHE A 105 19.60 -15.48 -3.47
CA PHE A 105 20.38 -15.02 -2.33
C PHE A 105 21.86 -15.37 -2.40
N ASN A 106 22.27 -16.25 -3.32
CA ASN A 106 23.66 -16.72 -3.38
C ASN A 106 24.50 -15.74 -4.19
N ASN A 107 24.65 -14.53 -3.63
CA ASN A 107 25.46 -13.50 -4.23
C ASN A 107 26.37 -12.89 -3.17
N PRO A 108 27.63 -12.63 -3.50
CA PRO A 108 28.55 -12.06 -2.50
C PRO A 108 28.09 -10.71 -1.96
N VAL A 109 27.65 -9.80 -2.82
CA VAL A 109 27.20 -8.51 -2.35
C VAL A 109 25.96 -8.66 -1.48
N PHE A 110 25.02 -9.52 -1.89
CA PHE A 110 23.83 -9.77 -1.10
C PHE A 110 24.17 -10.34 0.27
N ARG A 111 25.14 -11.26 0.32
CA ARG A 111 25.54 -11.84 1.60
C ARG A 111 26.15 -10.78 2.51
N SER A 112 26.88 -9.84 1.94
CA SER A 112 27.56 -8.81 2.71
C SER A 112 26.66 -7.62 3.03
N THR A 113 25.49 -7.52 2.40
CA THR A 113 24.62 -6.36 2.62
C THR A 113 23.30 -6.76 3.25
N VAL A 114 22.41 -7.37 2.45
CA VAL A 114 21.08 -7.71 2.96
C VAL A 114 21.18 -8.81 4.01
N ASP A 115 21.84 -9.92 3.66
CA ASP A 115 21.95 -11.03 4.60
C ASP A 115 22.94 -10.77 5.73
N ALA A 116 23.52 -9.56 5.81
CA ALA A 116 24.38 -9.20 6.91
C ALA A 116 23.64 -8.51 8.04
N VAL A 117 22.38 -8.14 7.84
CA VAL A 117 21.58 -7.48 8.87
C VAL A 117 20.38 -8.36 9.19
N GLN A 118 19.90 -8.26 10.42
CA GLN A 118 18.75 -9.02 10.87
C GLN A 118 17.47 -8.38 10.34
N GLY A 119 16.69 -9.16 9.59
CA GLY A 119 15.46 -8.67 9.01
C GLY A 119 15.60 -8.04 7.64
N GLY A 120 16.75 -8.21 7.00
CA GLY A 120 16.92 -7.65 5.66
C GLY A 120 16.07 -8.34 4.62
N ARG A 121 15.94 -9.66 4.73
CA ARG A 121 15.09 -10.40 3.80
C ARG A 121 13.63 -10.00 3.95
N ASP A 122 13.20 -9.73 5.19
CA ASP A 122 11.80 -9.38 5.43
C ASP A 122 11.40 -8.06 4.78
N VAL A 123 12.37 -7.20 4.46
CA VAL A 123 12.05 -5.99 3.72
C VAL A 123 11.64 -6.33 2.29
N LEU A 124 12.26 -7.36 1.70
CA LEU A 124 11.85 -7.80 0.37
C LEU A 124 10.41 -8.32 0.38
N ARG A 125 9.97 -8.88 1.50
CA ARG A 125 8.58 -9.32 1.59
C ARG A 125 7.62 -8.13 1.53
N LEU A 126 8.01 -7.00 2.11
CA LEU A 126 7.17 -5.82 2.07
C LEU A 126 6.99 -5.29 0.66
N TYR A 127 7.95 -5.54 -0.22
CA TYR A 127 7.80 -5.16 -1.62
C TYR A 127 6.79 -6.04 -2.33
N GLY A 128 6.76 -7.33 -1.98
CA GLY A 128 5.85 -8.28 -2.60
C GLY A 128 6.42 -9.66 -2.75
N TYR A 129 7.70 -9.83 -2.39
CA TYR A 129 8.37 -11.12 -2.49
C TYR A 129 7.99 -11.95 -1.27
N THR A 130 6.81 -12.57 -1.33
CA THR A 130 6.29 -13.32 -0.21
C THR A 130 6.44 -14.84 -0.36
N GLU A 131 6.73 -15.33 -1.56
CA GLU A 131 6.86 -16.77 -1.78
C GLU A 131 8.27 -17.21 -1.43
N GLU A 132 8.39 -18.02 -0.39
CA GLU A 132 9.68 -18.54 0.04
C GLU A 132 10.13 -19.63 -0.93
N GLN A 133 11.16 -19.33 -1.72
CA GLN A 133 11.70 -20.22 -2.72
C GLN A 133 12.96 -20.90 -2.19
N PRO A 134 13.47 -21.93 -2.91
CA PRO A 134 14.72 -22.57 -2.47
C PRO A 134 15.88 -21.60 -2.32
N ASP A 135 16.21 -20.86 -3.38
CA ASP A 135 17.34 -19.95 -3.36
C ASP A 135 17.00 -18.56 -2.85
N GLY A 136 15.73 -18.19 -2.80
CA GLY A 136 15.37 -16.86 -2.35
C GLY A 136 13.88 -16.62 -2.21
N LEU A 137 13.43 -15.45 -2.63
CA LEU A 137 12.03 -15.05 -2.54
C LEU A 137 11.50 -14.68 -3.92
N SER A 138 10.19 -14.78 -4.08
CA SER A 138 9.56 -14.47 -5.36
C SER A 138 8.14 -13.97 -5.11
N PHE A 139 7.60 -13.31 -6.13
CA PHE A 139 6.22 -12.85 -6.06
C PHE A 139 5.26 -14.03 -6.18
N PRO A 140 4.05 -13.92 -5.65
CA PRO A 140 3.05 -14.98 -5.85
C PRO A 140 2.73 -15.17 -7.32
N GLU A 141 2.27 -16.38 -7.65
CA GLU A 141 1.96 -16.71 -9.03
C GLU A 141 0.79 -15.90 -9.58
N GLY A 142 -0.05 -15.34 -8.71
CA GLY A 142 -1.19 -14.56 -9.14
C GLY A 142 -0.82 -13.20 -9.69
N GLN A 143 0.01 -12.45 -8.96
CA GLN A 143 0.36 -11.11 -9.37
C GLN A 143 1.22 -11.12 -10.62
N GLU A 144 0.91 -10.21 -11.55
CA GLU A 144 1.71 -10.01 -12.75
C GLU A 144 2.52 -8.73 -12.74
N GLU A 145 2.18 -7.79 -11.85
CA GLU A 145 2.90 -6.53 -11.69
C GLU A 145 2.89 -6.17 -10.22
N PRO A 146 3.90 -5.44 -9.75
CA PRO A 146 3.94 -5.06 -8.34
C PRO A 146 2.93 -3.97 -8.02
N ASP A 147 2.50 -3.93 -6.77
CA ASP A 147 1.62 -2.87 -6.29
C ASP A 147 2.43 -1.59 -6.14
N GLU A 148 2.16 -0.60 -6.98
CA GLU A 148 2.97 0.62 -6.99
C GLU A 148 2.90 1.36 -5.67
N HIS A 149 1.70 1.48 -5.09
CA HIS A 149 1.54 2.20 -3.84
C HIS A 149 2.28 1.51 -2.71
N GLN A 150 2.21 0.17 -2.65
CA GLN A 150 2.91 -0.56 -1.60
C GLN A 150 4.42 -0.45 -1.78
N VAL A 151 4.90 -0.57 -3.02
CA VAL A 151 6.35 -0.48 -3.25
C VAL A 151 6.85 0.93 -2.96
N ALA A 152 6.09 1.95 -3.37
CA ALA A 152 6.53 3.33 -3.18
C ALA A 152 6.60 3.70 -1.71
N THR A 153 5.63 3.26 -0.91
CA THR A 153 5.63 3.59 0.51
C THR A 153 6.75 2.86 1.25
N VAL A 154 7.04 1.62 0.86
CA VAL A 154 8.12 0.88 1.51
C VAL A 154 9.47 1.44 1.10
N THR A 155 9.62 1.83 -0.18
CA THR A 155 10.88 2.43 -0.63
C THR A 155 11.12 3.76 0.06
N LEU A 156 10.05 4.54 0.29
CA LEU A 156 10.20 5.80 1.00
C LEU A 156 10.63 5.56 2.45
N GLU A 157 10.03 4.55 3.10
CA GLU A 157 10.40 4.25 4.48
C GLU A 157 11.84 3.74 4.56
N VAL A 158 12.26 2.92 3.59
CA VAL A 158 13.65 2.49 3.52
C VAL A 158 14.56 3.70 3.30
N LEU A 159 14.15 4.61 2.41
CA LEU A 159 14.94 5.81 2.16
C LEU A 159 14.99 6.69 3.40
N LEU A 160 13.87 6.84 4.10
CA LEU A 160 13.84 7.71 5.28
C LEU A 160 14.71 7.16 6.39
N LEU A 161 14.67 5.84 6.62
CA LEU A 161 15.48 5.24 7.68
C LEU A 161 16.96 5.37 7.39
N ARG A 162 17.36 5.18 6.13
CA ARG A 162 18.76 5.38 5.75
C ARG A 162 19.18 6.83 5.97
N THR A 163 18.28 7.77 5.68
CA THR A 163 18.57 9.18 5.95
C THR A 163 18.74 9.42 7.45
N GLU A 164 17.82 8.89 8.25
CA GLU A 164 17.91 9.09 9.71
C GLU A 164 19.20 8.52 10.27
N LEU A 165 19.61 7.33 9.80
CA LEU A 165 20.86 6.76 10.27
C LEU A 165 22.06 7.57 9.80
N SER A 166 21.98 8.13 8.59
CA SER A 166 23.10 8.91 8.07
C SER A 166 23.28 10.20 8.88
N LEU A 167 22.18 10.83 9.30
CA LEU A 167 22.30 12.02 10.14
C LEU A 167 22.83 11.68 11.53
N LEU A 168 22.53 10.47 12.02
CA LEU A 168 23.09 10.05 13.31
C LEU A 168 24.59 9.85 13.22
N LEU A 169 25.07 9.34 12.08
CA LEU A 169 26.50 9.16 11.89
C LEU A 169 27.23 10.49 11.75
N GLN A 170 26.53 11.52 11.27
CA GLN A 170 27.09 12.87 11.17
C GLN A 170 26.83 13.69 12.43
N ASN A 171 26.08 13.15 13.39
CA ASN A 171 25.74 13.84 14.64
C ASN A 171 24.97 15.14 14.38
N THR A 172 24.17 15.16 13.32
CA THR A 172 23.35 16.32 12.98
C THR A 172 21.87 15.98 12.91
N HIS A 173 21.46 14.87 13.51
CA HIS A 173 20.05 14.50 13.51
C HIS A 173 19.26 15.48 14.37
N PRO A 174 18.09 15.93 13.90
CA PRO A 174 17.31 16.91 14.68
C PRO A 174 16.80 16.36 16.00
N ARG A 175 16.67 15.04 16.13
CA ARG A 175 16.24 14.38 17.36
C ARG A 175 17.24 13.28 17.72
N GLN A 176 18.52 13.64 17.72
CA GLN A 176 19.59 12.66 17.87
C GLN A 176 19.57 12.02 19.26
N GLN A 177 19.34 12.82 20.30
CA GLN A 177 19.40 12.29 21.66
C GLN A 177 18.27 11.29 21.91
N ALA A 178 17.10 11.53 21.34
CA ALA A 178 15.97 10.62 21.56
C ALA A 178 16.18 9.31 20.82
N LEU A 179 16.73 9.36 19.61
CA LEU A 179 16.92 8.14 18.83
C LEU A 179 18.11 7.32 19.33
N GLU A 180 19.12 7.99 19.91
CA GLU A 180 20.28 7.25 20.42
C GLU A 180 19.88 6.32 21.56
N GLN A 181 19.02 6.80 22.46
CA GLN A 181 18.38 5.89 23.40
C GLN A 181 17.36 5.06 22.62
N LEU A 182 17.80 3.95 22.06
CA LEU A 182 17.03 3.15 21.09
C LEU A 182 15.59 2.93 21.51
N GLU B 9 -1.12 21.31 -6.41
CA GLU B 9 -0.18 21.05 -5.33
C GLU B 9 -0.85 21.21 -3.97
N GLU B 10 -1.49 22.36 -3.76
CA GLU B 10 -2.25 22.58 -2.53
C GLU B 10 -3.61 21.90 -2.58
N GLU B 11 -4.18 21.75 -3.78
CA GLU B 11 -5.40 20.96 -3.93
C GLU B 11 -5.14 19.48 -3.66
N GLU B 12 -3.95 18.99 -4.02
CA GLU B 12 -3.60 17.60 -3.74
C GLU B 12 -3.41 17.38 -2.25
N ARG B 13 -2.81 18.34 -1.56
CA ARG B 13 -2.63 18.21 -0.11
C ARG B 13 -3.98 18.17 0.61
N ALA B 14 -4.86 19.12 0.27
CA ALA B 14 -6.18 19.16 0.90
C ALA B 14 -6.96 17.88 0.66
N PHE B 15 -6.77 17.24 -0.49
CA PHE B 15 -7.41 15.96 -0.74
C PHE B 15 -6.86 14.88 0.19
N LEU B 16 -5.57 14.92 0.48
CA LEU B 16 -4.97 13.90 1.34
C LEU B 16 -5.34 14.09 2.80
N VAL B 17 -5.48 15.35 3.25
CA VAL B 17 -5.91 15.61 4.62
C VAL B 17 -7.31 15.07 4.84
N ALA B 18 -8.23 15.35 3.90
CA ALA B 18 -9.57 14.78 3.99
C ALA B 18 -9.56 13.28 3.79
N ARG B 19 -8.62 12.76 2.98
CA ARG B 19 -8.49 11.33 2.81
C ARG B 19 -8.09 10.66 4.11
N GLU B 20 -7.15 11.26 4.85
CA GLU B 20 -6.70 10.67 6.10
C GLU B 20 -7.73 10.81 7.21
N GLU B 21 -8.48 11.91 7.22
CA GLU B 21 -9.53 12.09 8.22
C GLU B 21 -10.59 11.00 8.09
N LEU B 22 -11.02 10.72 6.86
CA LEU B 22 -12.03 9.69 6.66
C LEU B 22 -11.46 8.29 6.86
N ALA B 23 -10.20 8.07 6.49
CA ALA B 23 -9.57 6.77 6.70
C ALA B 23 -9.36 6.48 8.18
N SER B 24 -9.08 7.50 8.99
CA SER B 24 -8.92 7.30 10.42
C SER B 24 -10.25 6.92 11.06
N ALA B 25 -11.36 7.49 10.59
CA ALA B 25 -12.66 7.13 11.13
C ALA B 25 -13.01 5.69 10.80
N LEU B 26 -12.61 5.22 9.62
CA LEU B 26 -12.83 3.82 9.27
C LEU B 26 -12.01 2.89 10.16
N ARG B 27 -10.78 3.31 10.50
CA ARG B 27 -9.97 2.52 11.41
C ARG B 27 -10.63 2.40 12.78
N ARG B 28 -11.22 3.50 13.26
CA ARG B 28 -11.86 3.48 14.57
C ARG B 28 -13.11 2.61 14.57
N ASP B 29 -14.10 2.98 13.74
CA ASP B 29 -15.36 2.26 13.64
C ASP B 29 -15.58 1.88 12.19
N SER B 30 -15.36 0.60 11.87
CA SER B 30 -15.50 0.11 10.50
C SER B 30 -16.95 0.04 10.05
N GLY B 31 -17.92 0.20 10.94
CA GLY B 31 -19.33 0.12 10.59
C GLY B 31 -20.03 1.45 10.40
N GLN B 32 -19.34 2.56 10.62
CA GLN B 32 -19.99 3.86 10.52
C GLN B 32 -20.17 4.27 9.06
N ALA B 33 -21.28 4.94 8.78
CA ALA B 33 -21.59 5.43 7.44
C ALA B 33 -21.15 6.88 7.30
N PHE B 34 -20.82 7.26 6.08
CA PHE B 34 -20.38 8.61 5.76
C PHE B 34 -21.43 9.30 4.90
N SER B 35 -21.71 10.56 5.23
CA SER B 35 -22.68 11.34 4.47
C SER B 35 -22.04 11.89 3.19
N LEU B 36 -22.90 12.38 2.30
CA LEU B 36 -22.39 13.00 1.07
C LEU B 36 -21.64 14.30 1.38
N GLU B 37 -21.99 14.97 2.48
CA GLU B 37 -21.25 16.16 2.88
C GLU B 37 -19.87 15.79 3.41
N GLN B 38 -19.77 14.69 4.16
CA GLN B 38 -18.47 14.24 4.62
C GLN B 38 -17.57 13.86 3.45
N LEU B 39 -18.13 13.23 2.43
CA LEU B 39 -17.37 12.81 1.26
C LEU B 39 -17.16 13.92 0.25
N ARG B 40 -17.77 15.09 0.47
CA ARG B 40 -17.69 16.16 -0.52
C ARG B 40 -16.27 16.58 -0.87
N PRO B 41 -15.33 16.73 0.06
CA PRO B 41 -13.95 17.10 -0.34
C PRO B 41 -13.31 16.11 -1.29
N LEU B 42 -13.76 14.86 -1.30
CA LEU B 42 -13.22 13.87 -2.23
C LEU B 42 -14.03 13.76 -3.51
N LEU B 43 -15.35 13.95 -3.43
CA LEU B 43 -16.19 13.84 -4.62
C LEU B 43 -16.08 15.08 -5.50
N ALA B 44 -16.03 16.27 -4.89
CA ALA B 44 -16.04 17.53 -5.63
C ALA B 44 -14.65 18.05 -5.92
N SER B 45 -13.61 17.26 -5.71
CA SER B 45 -12.24 17.71 -5.95
C SER B 45 -12.00 17.88 -7.45
N SER B 46 -11.15 18.85 -7.78
CA SER B 46 -10.81 19.13 -9.17
C SER B 46 -9.72 18.22 -9.72
N LEU B 47 -9.13 17.38 -8.87
CA LEU B 47 -8.04 16.51 -9.31
C LEU B 47 -8.59 15.43 -10.25
N PRO B 48 -7.75 14.94 -11.17
CA PRO B 48 -8.20 13.87 -12.06
C PRO B 48 -8.30 12.54 -11.34
N LEU B 49 -8.80 11.53 -12.06
CA LEU B 49 -9.02 10.21 -11.47
C LEU B 49 -7.71 9.57 -11.04
N ALA B 50 -6.67 9.67 -11.87
CA ALA B 50 -5.39 9.04 -11.54
C ALA B 50 -4.76 9.61 -10.29
N ALA B 51 -5.15 10.83 -9.89
CA ALA B 51 -4.60 11.45 -8.69
C ALA B 51 -5.50 11.29 -7.47
N ARG B 52 -6.77 10.91 -7.66
CA ARG B 52 -7.70 10.80 -6.55
C ARG B 52 -7.83 9.38 -6.02
N TYR B 53 -7.46 8.37 -6.81
CA TYR B 53 -7.49 6.98 -6.38
C TYR B 53 -6.06 6.45 -6.42
N LEU B 54 -5.44 6.34 -5.25
CA LEU B 54 -4.04 5.95 -5.17
C LEU B 54 -3.85 4.44 -5.23
N GLN B 55 -4.80 3.67 -4.72
CA GLN B 55 -4.72 2.21 -4.70
C GLN B 55 -5.68 1.54 -5.65
N LEU B 56 -6.89 2.09 -5.81
CA LEU B 56 -7.89 1.53 -6.70
C LEU B 56 -7.68 2.05 -8.12
N ASP B 57 -7.69 1.13 -9.09
CA ASP B 57 -7.64 1.51 -10.50
C ASP B 57 -9.06 1.78 -10.98
N ALA B 58 -9.60 2.92 -10.53
CA ALA B 58 -10.99 3.25 -10.81
C ALA B 58 -11.22 3.46 -12.30
N ALA B 59 -10.24 4.06 -12.99
CA ALA B 59 -10.41 4.33 -14.43
C ALA B 59 -10.56 3.04 -15.21
N ARG B 60 -9.86 1.99 -14.81
CA ARG B 60 -9.97 0.71 -15.52
C ARG B 60 -11.17 -0.09 -15.05
N LEU B 61 -11.57 0.03 -13.78
CA LEU B 61 -12.75 -0.68 -13.29
C LEU B 61 -14.00 -0.23 -14.03
N VAL B 62 -14.07 1.05 -14.37
CA VAL B 62 -15.27 1.58 -15.04
C VAL B 62 -15.21 1.33 -16.54
N ARG B 63 -14.06 1.57 -17.16
CA ARG B 63 -13.95 1.55 -18.61
C ARG B 63 -13.71 0.15 -19.19
N CYS B 64 -13.03 -0.73 -18.46
CA CYS B 64 -12.81 -2.08 -18.96
C CYS B 64 -13.99 -3.01 -18.75
N ASN B 65 -15.02 -2.56 -18.03
CA ASN B 65 -16.26 -3.31 -17.87
C ASN B 65 -17.40 -2.72 -18.70
N ALA B 66 -17.10 -1.79 -19.59
CA ALA B 66 -18.13 -1.08 -20.36
C ALA B 66 -18.58 -1.94 -21.53
N HIS B 67 -19.63 -2.73 -21.30
CA HIS B 67 -20.31 -3.45 -22.37
C HIS B 67 -21.80 -3.35 -22.11
N GLY B 68 -22.49 -2.58 -22.94
CA GLY B 68 -23.89 -2.26 -22.74
C GLY B 68 -24.08 -0.80 -22.35
N GLU B 69 -25.29 -0.49 -21.93
CA GLU B 69 -25.60 0.88 -21.54
C GLU B 69 -25.08 1.16 -20.13
N PRO B 70 -24.67 2.41 -19.86
CA PRO B 70 -24.21 2.75 -18.51
C PRO B 70 -25.24 2.46 -17.42
N ARG B 71 -26.53 2.48 -17.76
CA ARG B 71 -27.56 2.13 -16.79
C ARG B 71 -27.33 0.73 -16.22
N ASN B 72 -26.77 -0.18 -17.01
CA ASN B 72 -26.63 -1.57 -16.60
C ASN B 72 -25.23 -1.91 -16.08
N TYR B 73 -24.18 -1.58 -16.82
CA TYR B 73 -22.84 -2.00 -16.40
C TYR B 73 -22.27 -1.14 -15.27
N LEU B 74 -22.80 0.07 -15.07
CA LEU B 74 -22.44 0.81 -13.87
C LEU B 74 -23.15 0.26 -12.64
N ASN B 75 -24.28 -0.40 -12.82
CA ASN B 75 -25.00 -1.01 -11.70
C ASN B 75 -24.37 -2.35 -11.30
N THR B 76 -23.98 -3.15 -12.29
CA THR B 76 -23.23 -4.38 -11.98
C THR B 76 -21.93 -4.06 -11.25
N LEU B 77 -21.25 -3.00 -11.68
CA LEU B 77 -20.05 -2.57 -10.97
C LEU B 77 -20.38 -2.06 -9.57
N SER B 78 -21.55 -1.42 -9.41
CA SER B 78 -21.93 -0.89 -8.10
C SER B 78 -22.13 -2.02 -7.10
N THR B 79 -22.81 -3.10 -7.51
CA THR B 79 -23.00 -4.23 -6.61
C THR B 79 -21.68 -4.92 -6.30
N ALA B 80 -20.74 -4.93 -7.25
CA ALA B 80 -19.42 -5.49 -6.97
C ALA B 80 -18.67 -4.64 -5.96
N LEU B 81 -18.76 -3.32 -6.09
CA LEU B 81 -18.10 -2.43 -5.13
C LEU B 81 -18.77 -2.48 -3.77
N ASN B 82 -20.08 -2.76 -3.72
CA ASN B 82 -20.76 -2.81 -2.44
C ASN B 82 -20.29 -4.01 -1.63
N ILE B 83 -20.18 -5.18 -2.26
CA ILE B 83 -19.73 -6.36 -1.54
C ILE B 83 -18.24 -6.28 -1.23
N LEU B 84 -17.46 -5.65 -2.11
CA LEU B 84 -16.04 -5.47 -1.82
C LEU B 84 -15.82 -4.51 -0.65
N GLU B 85 -16.71 -3.52 -0.51
CA GLU B 85 -16.64 -2.64 0.66
C GLU B 85 -16.91 -3.41 1.95
N LYS B 86 -17.76 -4.44 1.88
CA LYS B 86 -18.05 -5.24 3.07
C LYS B 86 -16.87 -6.11 3.47
N TYR B 87 -16.08 -6.57 2.50
CA TYR B 87 -14.87 -7.32 2.84
C TYR B 87 -13.89 -6.46 3.62
N GLY B 88 -13.77 -5.19 3.24
CA GLY B 88 -12.84 -4.31 3.94
C GLY B 88 -13.33 -3.92 5.33
N ARG B 89 -14.63 -3.64 5.46
CA ARG B 89 -15.18 -3.31 6.77
C ARG B 89 -15.12 -4.51 7.71
N ASN B 90 -15.25 -5.72 7.18
CA ASN B 90 -15.18 -6.91 8.01
C ASN B 90 -13.78 -7.14 8.54
N LEU B 91 -12.75 -6.77 7.76
CA LEU B 91 -11.38 -6.95 8.21
C LEU B 91 -11.03 -6.00 9.36
N LEU B 92 -11.63 -4.80 9.37
CA LEU B 92 -11.40 -3.83 10.42
C LEU B 92 -12.39 -3.97 11.58
N SER B 93 -13.35 -4.88 11.46
CA SER B 93 -14.39 -4.99 12.48
C SER B 93 -13.83 -5.60 13.76
N PRO B 94 -14.24 -5.13 14.93
CA PRO B 94 -13.84 -5.81 16.17
C PRO B 94 -14.46 -7.18 16.30
N GLN B 95 -15.66 -7.38 15.76
CA GLN B 95 -16.27 -8.70 15.67
C GLN B 95 -15.91 -9.35 14.33
N ARG B 96 -14.60 -9.49 14.12
CA ARG B 96 -14.08 -10.03 12.89
C ARG B 96 -14.59 -11.46 12.69
N PRO B 97 -15.07 -11.81 11.50
CA PRO B 97 -15.55 -13.18 11.26
C PRO B 97 -14.45 -14.21 11.51
N ARG B 98 -14.88 -15.45 11.71
CA ARG B 98 -13.96 -16.52 12.09
C ARG B 98 -12.93 -16.77 11.00
N TYR B 99 -13.37 -17.21 9.84
CA TYR B 99 -12.48 -17.63 8.75
C TYR B 99 -12.19 -16.47 7.79
N TRP B 100 -11.74 -15.36 8.34
CA TRP B 100 -11.46 -14.16 7.54
C TRP B 100 -10.23 -14.29 6.66
N ARG B 101 -9.38 -15.30 6.90
CA ARG B 101 -8.10 -15.38 6.23
C ARG B 101 -8.21 -15.79 4.76
N GLY B 102 -9.36 -16.33 4.35
CA GLY B 102 -9.52 -16.78 2.98
C GLY B 102 -10.91 -16.49 2.47
N VAL B 103 -11.02 -16.38 1.14
CA VAL B 103 -12.29 -16.13 0.47
C VAL B 103 -12.44 -17.17 -0.63
N LYS B 104 -13.54 -17.93 -0.56
CA LYS B 104 -13.84 -18.92 -1.58
C LYS B 104 -14.75 -18.31 -2.65
N PHE B 105 -14.47 -18.64 -3.91
CA PHE B 105 -15.17 -18.05 -5.03
C PHE B 105 -16.44 -18.81 -5.41
N ASN B 106 -16.63 -20.01 -4.85
CA ASN B 106 -17.78 -20.85 -5.19
C ASN B 106 -19.00 -20.34 -4.43
N ASN B 107 -19.61 -19.30 -4.97
CA ASN B 107 -20.76 -18.67 -4.34
C ASN B 107 -21.59 -18.08 -5.47
N PRO B 108 -22.89 -18.40 -5.55
CA PRO B 108 -23.73 -17.76 -6.58
C PRO B 108 -23.70 -16.25 -6.53
N VAL B 109 -23.64 -15.65 -5.35
CA VAL B 109 -23.61 -14.21 -5.24
C VAL B 109 -22.24 -13.65 -5.61
N PHE B 110 -21.17 -14.31 -5.16
CA PHE B 110 -19.82 -13.86 -5.49
C PHE B 110 -19.58 -13.95 -6.99
N ARG B 111 -20.04 -15.03 -7.63
CA ARG B 111 -19.83 -15.18 -9.07
C ARG B 111 -20.64 -14.17 -9.88
N SER B 112 -21.72 -13.62 -9.31
CA SER B 112 -22.54 -12.63 -9.99
C SER B 112 -22.29 -11.22 -9.49
N THR B 113 -21.23 -11.00 -8.70
CA THR B 113 -20.88 -9.67 -8.23
C THR B 113 -19.40 -9.38 -8.45
N VAL B 114 -18.54 -9.97 -7.62
CA VAL B 114 -17.11 -9.74 -7.75
C VAL B 114 -16.58 -10.31 -9.05
N ASP B 115 -16.93 -11.56 -9.35
CA ASP B 115 -16.44 -12.21 -10.57
C ASP B 115 -17.20 -11.78 -11.81
N ALA B 116 -18.20 -10.91 -11.68
CA ALA B 116 -18.94 -10.40 -12.83
C ALA B 116 -18.27 -9.18 -13.46
N VAL B 117 -17.18 -8.68 -12.87
CA VAL B 117 -16.45 -7.54 -13.40
C VAL B 117 -14.98 -7.87 -13.48
N GLN B 118 -14.29 -7.24 -14.43
CA GLN B 118 -12.86 -7.43 -14.59
C GLN B 118 -12.09 -6.61 -13.55
N GLY B 119 -11.21 -7.28 -12.82
CA GLY B 119 -10.49 -6.63 -11.73
C GLY B 119 -11.16 -6.75 -10.38
N GLY B 120 -12.26 -7.51 -10.28
CA GLY B 120 -12.93 -7.65 -9.00
C GLY B 120 -12.10 -8.41 -7.98
N ARG B 121 -11.50 -9.53 -8.39
CA ARG B 121 -10.64 -10.29 -7.50
C ARG B 121 -9.41 -9.50 -7.08
N ASP B 122 -8.90 -8.63 -7.97
CA ASP B 122 -7.71 -7.86 -7.67
C ASP B 122 -7.92 -6.87 -6.53
N VAL B 123 -9.16 -6.45 -6.29
CA VAL B 123 -9.44 -5.59 -5.15
C VAL B 123 -9.24 -6.35 -3.84
N LEU B 124 -9.54 -7.66 -3.84
CA LEU B 124 -9.26 -8.47 -2.66
C LEU B 124 -7.76 -8.57 -2.39
N ARG B 125 -6.95 -8.49 -3.45
CA ARG B 125 -5.50 -8.52 -3.27
C ARG B 125 -5.02 -7.29 -2.52
N LEU B 126 -5.62 -6.14 -2.77
CA LEU B 126 -5.25 -4.92 -2.06
C LEU B 126 -5.55 -5.05 -0.57
N TYR B 127 -6.54 -5.85 -0.20
CA TYR B 127 -6.81 -6.10 1.21
C TYR B 127 -5.75 -6.97 1.84
N GLY B 128 -5.14 -7.87 1.06
CA GLY B 128 -4.12 -8.76 1.58
C GLY B 128 -4.26 -10.18 1.07
N TYR B 129 -5.39 -10.48 0.44
CA TYR B 129 -5.63 -11.80 -0.15
C TYR B 129 -4.76 -11.94 -1.40
N THR B 130 -3.48 -12.26 -1.18
CA THR B 130 -2.50 -12.32 -2.26
C THR B 130 -2.16 -13.73 -2.70
N GLU B 131 -2.52 -14.75 -1.92
CA GLU B 131 -2.13 -16.12 -2.21
C GLU B 131 -3.25 -16.82 -2.97
N GLU B 132 -2.91 -17.35 -4.14
CA GLU B 132 -3.90 -18.05 -4.96
C GLU B 132 -4.22 -19.41 -4.37
N GLN B 133 -5.48 -19.81 -4.52
CA GLN B 133 -6.01 -21.07 -4.05
C GLN B 133 -6.85 -21.70 -5.15
N PRO B 134 -7.13 -23.00 -5.06
CA PRO B 134 -8.15 -23.57 -5.96
C PRO B 134 -9.51 -22.96 -5.74
N ASP B 135 -9.85 -22.63 -4.50
CA ASP B 135 -11.13 -21.98 -4.19
C ASP B 135 -11.07 -20.50 -4.57
N GLY B 136 -10.16 -19.75 -3.94
CA GLY B 136 -10.04 -18.34 -4.21
C GLY B 136 -8.71 -17.74 -3.81
N LEU B 137 -8.74 -16.77 -2.90
CA LEU B 137 -7.55 -16.08 -2.42
C LEU B 137 -7.48 -16.18 -0.91
N SER B 138 -6.26 -16.02 -0.38
CA SER B 138 -6.03 -16.13 1.05
C SER B 138 -4.83 -15.28 1.45
N PHE B 139 -4.71 -15.06 2.75
CA PHE B 139 -3.57 -14.38 3.35
C PHE B 139 -2.38 -15.33 3.45
N PRO B 140 -1.16 -14.81 3.31
CA PRO B 140 0.02 -15.66 3.51
C PRO B 140 0.13 -16.12 4.96
N GLU B 141 0.88 -17.20 5.16
CA GLU B 141 1.03 -17.77 6.50
C GLU B 141 1.76 -16.81 7.44
N GLY B 142 2.71 -16.04 6.91
CA GLY B 142 3.39 -15.06 7.73
C GLY B 142 2.50 -13.94 8.23
N GLN B 143 1.41 -13.66 7.52
CA GLN B 143 0.48 -12.62 7.93
C GLN B 143 -0.49 -13.17 8.97
N GLU B 144 -0.49 -12.56 10.15
CA GLU B 144 -1.42 -12.95 11.21
C GLU B 144 -2.58 -11.99 11.37
N GLU B 145 -2.36 -10.70 11.13
CA GLU B 145 -3.39 -9.67 11.20
C GLU B 145 -3.32 -8.80 9.95
N PRO B 146 -4.46 -8.31 9.46
CA PRO B 146 -4.43 -7.44 8.29
C PRO B 146 -3.80 -6.09 8.61
N ASP B 147 -3.36 -5.42 7.54
CA ASP B 147 -2.78 -4.09 7.67
C ASP B 147 -3.91 -3.08 7.80
N GLU B 148 -4.08 -2.53 9.00
CA GLU B 148 -5.20 -1.62 9.26
C GLU B 148 -5.14 -0.40 8.35
N HIS B 149 -3.95 0.20 8.21
CA HIS B 149 -3.83 1.38 7.37
C HIS B 149 -4.08 1.05 5.90
N GLN B 150 -3.63 -0.13 5.45
CA GLN B 150 -3.83 -0.51 4.05
C GLN B 150 -5.29 -0.81 3.76
N VAL B 151 -5.93 -1.60 4.64
CA VAL B 151 -7.33 -1.96 4.39
C VAL B 151 -8.24 -0.74 4.51
N ALA B 152 -7.95 0.16 5.44
CA ALA B 152 -8.83 1.31 5.67
C ALA B 152 -8.83 2.24 4.46
N THR B 153 -7.66 2.49 3.86
CA THR B 153 -7.60 3.36 2.69
C THR B 153 -8.22 2.69 1.47
N VAL B 154 -8.02 1.38 1.31
CA VAL B 154 -8.63 0.69 0.17
C VAL B 154 -10.14 0.64 0.32
N THR B 155 -10.62 0.43 1.54
CA THR B 155 -12.07 0.43 1.77
C THR B 155 -12.67 1.81 1.49
N LEU B 156 -11.95 2.88 1.84
CA LEU B 156 -12.45 4.23 1.59
C LEU B 156 -12.56 4.50 0.09
N GLU B 157 -11.56 4.06 -0.68
CA GLU B 157 -11.60 4.28 -2.12
C GLU B 157 -12.68 3.42 -2.78
N VAL B 158 -12.87 2.20 -2.30
CA VAL B 158 -13.99 1.38 -2.78
C VAL B 158 -15.31 2.04 -2.45
N LEU B 159 -15.44 2.56 -1.22
CA LEU B 159 -16.63 3.29 -0.84
C LEU B 159 -16.81 4.54 -1.70
N LEU B 160 -15.71 5.24 -2.00
CA LEU B 160 -15.81 6.47 -2.77
C LEU B 160 -16.21 6.20 -4.21
N LEU B 161 -15.66 5.14 -4.81
CA LEU B 161 -16.00 4.83 -6.20
C LEU B 161 -17.47 4.41 -6.33
N ARG B 162 -17.96 3.61 -5.38
CA ARG B 162 -19.38 3.25 -5.38
C ARG B 162 -20.26 4.49 -5.25
N THR B 163 -19.83 5.45 -4.43
CA THR B 163 -20.62 6.67 -4.24
C THR B 163 -20.65 7.52 -5.50
N GLU B 164 -19.50 7.66 -6.16
CA GLU B 164 -19.45 8.44 -7.40
C GLU B 164 -20.34 7.82 -8.47
N LEU B 165 -20.34 6.49 -8.57
CA LEU B 165 -21.15 5.82 -9.59
C LEU B 165 -22.63 6.03 -9.33
N SER B 166 -23.05 6.03 -8.06
CA SER B 166 -24.45 6.28 -7.75
C SER B 166 -24.85 7.71 -8.12
N LEU B 167 -24.01 8.69 -7.79
CA LEU B 167 -24.29 10.06 -8.18
C LEU B 167 -24.29 10.23 -9.69
N LEU B 168 -23.46 9.47 -10.40
CA LEU B 168 -23.44 9.53 -11.85
C LEU B 168 -24.73 8.96 -12.43
N LEU B 169 -25.16 7.79 -11.94
CA LEU B 169 -26.42 7.22 -12.39
C LEU B 169 -27.61 8.10 -12.00
N GLN B 170 -27.49 8.81 -10.88
CA GLN B 170 -28.53 9.75 -10.47
C GLN B 170 -28.49 11.06 -11.23
N ASN B 171 -27.42 11.32 -11.99
CA ASN B 171 -27.20 12.61 -12.65
C ASN B 171 -27.18 13.74 -11.61
N THR B 172 -26.34 13.55 -10.60
CA THR B 172 -26.18 14.55 -9.55
C THR B 172 -24.74 14.68 -9.08
N HIS B 173 -23.79 14.04 -9.76
CA HIS B 173 -22.38 14.18 -9.41
C HIS B 173 -21.95 15.64 -9.56
N PRO B 174 -21.21 16.18 -8.59
CA PRO B 174 -20.78 17.59 -8.71
C PRO B 174 -19.90 17.85 -9.91
N ARG B 175 -19.15 16.85 -10.37
CA ARG B 175 -18.35 16.96 -11.59
C ARG B 175 -18.89 15.97 -12.63
N GLN B 176 -20.18 16.05 -12.92
CA GLN B 176 -20.83 15.04 -13.74
C GLN B 176 -20.32 15.04 -15.17
N GLN B 177 -20.25 16.22 -15.79
CA GLN B 177 -19.84 16.29 -17.20
C GLN B 177 -18.44 15.75 -17.40
N ALA B 178 -17.51 16.09 -16.50
CA ALA B 178 -16.15 15.57 -16.62
C ALA B 178 -16.12 14.06 -16.38
N LEU B 179 -16.87 13.58 -15.39
CA LEU B 179 -16.91 12.16 -15.11
C LEU B 179 -17.59 11.38 -16.23
N GLU B 180 -18.52 12.01 -16.96
CA GLU B 180 -19.24 11.31 -18.01
C GLU B 180 -18.37 11.02 -19.23
N GLN B 181 -17.25 11.71 -19.39
CA GLN B 181 -16.33 11.45 -20.48
C GLN B 181 -15.47 10.21 -20.26
N LEU B 182 -15.82 9.38 -19.28
CA LEU B 182 -15.14 8.11 -19.03
C LEU B 182 -13.64 8.28 -18.82
N PHE C 1 31.26 -1.14 -0.49
CA PHE C 1 31.11 -1.22 -1.93
C PHE C 1 30.76 0.14 -2.53
N THR C 2 30.88 0.26 -3.85
CA THR C 2 30.47 1.48 -4.53
C THR C 2 29.02 1.39 -4.96
N ASP C 3 28.44 2.54 -5.30
CA ASP C 3 27.03 2.58 -5.67
C ASP C 3 26.73 1.79 -6.93
N CYS C 4 27.72 1.62 -7.80
CA CYS C 4 27.52 0.86 -9.03
C CYS C 4 27.71 -0.64 -8.83
N GLN C 5 28.52 -1.04 -7.85
CA GLN C 5 28.58 -2.45 -7.49
C GLN C 5 27.27 -2.92 -6.88
N LEU C 6 26.57 -2.02 -6.19
CA LEU C 6 25.29 -2.39 -5.57
C LEU C 6 24.20 -2.56 -6.63
N ALA C 7 24.12 -1.60 -7.57
CA ALA C 7 23.09 -1.66 -8.60
C ALA C 7 23.30 -2.85 -9.53
N ALA C 8 24.54 -3.11 -9.92
CA ALA C 8 24.83 -4.26 -10.78
C ALA C 8 24.54 -5.57 -10.05
N ALA C 9 24.79 -5.61 -8.74
CA ALA C 9 24.51 -6.82 -7.98
C ALA C 9 23.02 -7.04 -7.81
N VAL C 10 22.23 -5.97 -7.67
CA VAL C 10 20.78 -6.10 -7.61
C VAL C 10 20.26 -6.83 -8.83
N CYS C 11 20.74 -6.45 -10.02
CA CYS C 11 20.32 -7.11 -11.24
C CYS C 11 20.89 -8.52 -11.34
N MET C 12 21.92 -8.84 -10.57
CA MET C 12 22.47 -10.20 -10.60
C MET C 12 21.62 -11.18 -9.82
N THR C 13 20.95 -10.73 -8.75
CA THR C 13 20.12 -11.61 -7.93
C THR C 13 18.76 -11.90 -8.56
N TYR C 14 18.36 -11.17 -9.60
CA TYR C 14 17.06 -11.38 -10.22
C TYR C 14 17.00 -12.73 -10.93
N PHE D 1 -29.10 -8.33 -5.06
CA PHE D 1 -28.94 -6.90 -4.82
C PHE D 1 -29.10 -6.58 -3.33
N THR D 2 -30.07 -7.25 -2.71
CA THR D 2 -30.36 -7.11 -1.28
C THR D 2 -29.10 -7.00 -0.44
N ASP D 3 -28.96 -5.88 0.28
CA ASP D 3 -27.75 -5.64 1.06
C ASP D 3 -27.51 -6.74 2.08
N CYS D 4 -28.57 -7.33 2.61
CA CYS D 4 -28.41 -8.39 3.60
C CYS D 4 -28.05 -9.72 2.94
N GLN D 5 -28.54 -9.98 1.72
CA GLN D 5 -28.01 -11.12 0.97
C GLN D 5 -26.52 -10.96 0.74
N LEU D 6 -26.09 -9.78 0.30
CA LEU D 6 -24.69 -9.54 0.04
C LEU D 6 -23.87 -9.73 1.31
N ALA D 7 -24.24 -9.02 2.37
CA ALA D 7 -23.52 -9.14 3.64
C ALA D 7 -23.51 -10.58 4.15
N ALA D 8 -24.61 -11.31 3.94
CA ALA D 8 -24.61 -12.72 4.31
C ALA D 8 -23.73 -13.54 3.38
N ALA D 9 -23.67 -13.15 2.09
CA ALA D 9 -22.84 -13.87 1.15
C ALA D 9 -21.35 -13.66 1.39
N VAL D 10 -20.98 -12.50 1.95
CA VAL D 10 -19.58 -12.27 2.31
C VAL D 10 -19.11 -13.33 3.29
N CYS D 11 -19.91 -13.58 4.34
CA CYS D 11 -19.51 -14.55 5.35
C CYS D 11 -19.63 -15.97 4.85
N MET D 12 -20.48 -16.22 3.85
CA MET D 12 -20.58 -17.56 3.28
C MET D 12 -19.33 -17.95 2.50
N THR D 13 -18.55 -16.98 2.03
CA THR D 13 -17.32 -17.25 1.31
C THR D 13 -16.10 -17.41 2.22
N TYR D 14 -16.22 -17.05 3.49
CA TYR D 14 -15.10 -17.13 4.42
C TYR D 14 -14.77 -18.58 4.76
N NH2 E . 18.16 -13.34 -11.50
CA WHL F . 24.32 -1.23 -13.27
CB WHL F . 25.35 -0.34 -13.00
NB WHL F . 26.17 1.79 -12.43
OB WHL F . 22.92 -3.68 -13.61
CG WHL F . 21.93 -2.99 -13.67
CD WHL F . 23.77 1.41 -12.64
CE WHL F . 22.73 0.52 -12.92
CH WHL F . 20.59 -3.59 -13.96
CC WHL F . 25.10 0.98 -12.68
CF WHL F . 23.00 -0.80 -13.22
CJ WHL F . 26.16 3.09 -12.09
CK WHL F . 27.53 3.70 -11.89
NA WHL F . 21.90 -1.65 -13.50
OA WHL F . 25.16 3.79 -11.98
N NH2 G . -15.74 -19.62 4.92
CA WHL H . -25.02 -11.27 8.36
CB WHL H . -26.25 -10.68 8.13
NB WHL H . -27.60 -8.81 7.73
OB WHL H . -23.12 -13.28 8.92
CG WHL H . -22.30 -12.37 8.89
CD WHL H . -25.19 -8.54 8.02
CE WHL H . -23.96 -9.13 8.25
CH WHL H . -20.85 -12.64 9.10
CC WHL H . -26.35 -9.32 7.96
CF WHL H . -23.85 -10.51 8.42
CJ WHL H . -27.98 -7.55 7.52
CK WHL H . -29.46 -7.38 7.32
NA WHL H . -22.58 -11.08 8.66
OA WHL H . -27.23 -6.58 7.51
#